data_3AD4
#
_entry.id   3AD4
#
_cell.length_a   42.277
_cell.length_b   73.612
_cell.length_c   92.760
_cell.angle_alpha   90.00
_cell.angle_beta   90.00
_cell.angle_gamma   90.00
#
_symmetry.space_group_name_H-M   'P 21 21 21'
#
loop_
_entity.id
_entity.type
_entity.pdbx_description
1 polymer 'Proto-oncogene tyrosine-protein kinase LCK'
2 non-polymer 'SULFATE ION'
3 non-polymer 'DIMETHYL SULFOXIDE'
4 non-polymer (4S)-2-METHYL-2,4-PENTANEDIOL
5 non-polymer (4-chlorophenyl)(5-methoxy-1-benzofuran-2-yl)methanone
6 water water
#
_entity_poly.entity_id   1
_entity_poly.type   'polypeptide(L)'
_entity_poly.pdbx_seq_one_letter_code
;QTQKPQKPWWEDEWEVPRETLKLVERLGAGQFGEVWMGYYNGHTKVAVKSLKQGSMSPDAFLAEANLMKQLQHQRLVRLY
AVVTQEPIYIITEYMENGSLVDFLKTPSGIKLTINKLLDMAAQIAEGMAFIEERNYIHRDLRAANILVSDTLSCKIADFG
LARLIEDNE(PTR)TAREGAKFPIKWTAPEAINYGTFTIKSDVWSFGILLTEIVTHGRIPYPGMTNPEVIQNLERGYRMV
RPDNCPEELYQLMRLCWKERPEDRPTFDYLRSVLEDFFTATEGQYQPQP
;
_entity_poly.pdbx_strand_id   A
#
# COMPACT_ATOMS: atom_id res chain seq x y z
N LYS A 7 3.42 24.48 9.71
CA LYS A 7 2.97 25.19 10.97
C LYS A 7 3.73 24.59 12.15
N PRO A 8 4.15 25.45 13.12
CA PRO A 8 4.80 24.89 14.32
C PRO A 8 3.80 24.04 15.12
N TRP A 9 4.33 23.21 16.02
CA TRP A 9 3.51 22.27 16.78
C TRP A 9 2.34 22.94 17.53
N TRP A 10 2.58 24.15 18.03
CA TRP A 10 1.58 24.84 18.83
C TRP A 10 0.44 25.40 17.97
N GLU A 11 0.62 25.33 16.65
CA GLU A 11 -0.40 25.76 15.67
C GLU A 11 -0.98 24.63 14.81
N ASP A 12 -0.24 23.55 14.71
CA ASP A 12 -0.65 22.41 13.92
C ASP A 12 -1.97 21.84 14.48
N GLU A 13 -3.00 21.84 13.63
CA GLU A 13 -4.27 21.14 13.95
C GLU A 13 -4.15 19.61 14.13
N TRP A 14 -3.09 18.98 13.62
CA TRP A 14 -2.87 17.54 13.85
C TRP A 14 -2.20 17.17 15.19
N GLU A 15 -1.57 18.15 15.82
CA GLU A 15 -0.94 17.93 17.12
C GLU A 15 -2.00 17.69 18.20
N VAL A 16 -1.82 16.65 18.99
CA VAL A 16 -2.67 16.38 20.17
C VAL A 16 -1.81 16.12 21.41
N PRO A 17 -2.26 16.57 22.61
CA PRO A 17 -1.48 16.21 23.81
C PRO A 17 -1.39 14.69 23.94
N ARG A 18 -0.24 14.16 24.30
CA ARG A 18 -0.09 12.70 24.55
C ARG A 18 -1.16 12.11 25.52
N GLU A 19 -1.58 12.91 26.50
CA GLU A 19 -2.63 12.56 27.45
C GLU A 19 -3.98 12.07 26.84
N THR A 20 -4.27 12.41 25.58
CA THR A 20 -5.55 12.12 24.94
C THR A 20 -5.54 10.67 24.50
N LEU A 21 -4.37 10.04 24.57
CA LEU A 21 -4.20 8.70 24.01
C LEU A 21 -3.98 7.55 25.02
N LYS A 22 -4.76 6.47 24.87
CA LYS A 22 -4.42 5.26 25.63
C LYS A 22 -4.06 4.09 24.73
N LEU A 23 -2.83 3.62 24.91
CA LEU A 23 -2.32 2.44 24.19
C LEU A 23 -2.77 1.17 24.89
N VAL A 24 -3.61 0.40 24.19
CA VAL A 24 -4.25 -0.78 24.76
C VAL A 24 -3.57 -2.10 24.30
N GLU A 25 -3.50 -2.36 22.99
CA GLU A 25 -3.02 -3.62 22.46
C GLU A 25 -1.87 -3.43 21.46
N ARG A 26 -0.74 -4.06 21.73
CA ARG A 26 0.39 -3.90 20.84
C ARG A 26 0.19 -4.80 19.65
N LEU A 27 0.20 -4.19 18.45
CA LEU A 27 -0.11 -4.92 17.23
C LEU A 27 1.15 -5.40 16.50
N GLY A 28 2.25 -4.68 16.72
CA GLY A 28 3.53 -5.01 16.09
C GLY A 28 4.69 -4.26 16.72
N ALA A 29 5.89 -4.84 16.57
CA ALA A 29 7.16 -4.22 17.02
C ALA A 29 8.30 -4.61 16.09
N GLY A 30 9.16 -3.64 15.83
CA GLY A 30 10.23 -3.77 14.85
C GLY A 30 11.43 -2.96 15.26
N GLN A 31 12.42 -2.89 14.39
CA GLN A 31 13.64 -2.09 14.56
C GLN A 31 13.34 -0.62 14.95
N PHE A 32 12.26 -0.05 14.38
CA PHE A 32 12.03 1.40 14.43
C PHE A 32 10.91 1.88 15.36
N GLY A 33 10.29 0.93 16.07
CA GLY A 33 9.29 1.24 17.08
C GLY A 33 8.15 0.24 16.95
N GLU A 34 7.00 0.62 17.48
CA GLU A 34 5.85 -0.28 17.63
C GLU A 34 4.55 0.29 17.02
N VAL A 35 3.60 -0.60 16.76
CA VAL A 35 2.26 -0.24 16.36
C VAL A 35 1.26 -0.78 17.38
N TRP A 36 0.40 0.10 17.87
CA TRP A 36 -0.62 -0.23 18.87
C TRP A 36 -2.06 0.05 18.43
N MET A 37 -2.98 -0.73 18.98
CA MET A 37 -4.36 -0.32 18.98
C MET A 37 -4.56 0.48 20.24
N GLY A 38 -5.26 1.60 20.11
CA GLY A 38 -5.42 2.50 21.21
C GLY A 38 -6.71 3.28 21.08
N TYR A 39 -6.96 4.15 22.07
CA TYR A 39 -8.13 5.03 22.06
C TYR A 39 -7.71 6.50 22.15
N TYR A 40 -8.41 7.35 21.41
CA TYR A 40 -8.29 8.79 21.53
C TYR A 40 -9.49 9.30 22.32
N ASN A 41 -9.23 10.04 23.39
CA ASN A 41 -10.25 10.62 24.22
C ASN A 41 -11.27 9.54 24.62
N GLY A 42 -10.79 8.33 24.97
CA GLY A 42 -11.64 7.31 25.63
C GLY A 42 -12.47 6.45 24.69
N HIS A 43 -13.01 7.03 23.63
CA HIS A 43 -14.03 6.36 22.80
C HIS A 43 -13.69 5.99 21.37
N THR A 44 -12.64 6.62 20.83
CA THR A 44 -12.33 6.49 19.41
C THR A 44 -11.11 5.64 19.15
N LYS A 45 -11.33 4.48 18.56
CA LYS A 45 -10.31 3.51 18.26
C LYS A 45 -9.38 4.07 17.20
N VAL A 46 -8.07 3.92 17.44
CA VAL A 46 -7.05 4.45 16.54
C VAL A 46 -5.88 3.46 16.52
N ALA A 47 -5.05 3.54 15.48
CA ALA A 47 -3.77 2.86 15.51
C ALA A 47 -2.76 3.92 15.89
N VAL A 48 -1.81 3.56 16.76
CA VAL A 48 -0.71 4.48 17.16
C VAL A 48 0.66 3.89 16.82
N LYS A 49 1.41 4.57 15.95
CA LYS A 49 2.80 4.14 15.63
C LYS A 49 3.79 5.01 16.40
N SER A 50 4.73 4.35 17.09
CA SER A 50 5.64 5.01 17.99
C SER A 50 7.07 4.87 17.48
N LEU A 51 7.86 5.93 17.61
CA LEU A 51 9.24 5.92 17.15
C LEU A 51 10.15 5.51 18.29
N LYS A 52 10.91 4.45 18.12
CA LYS A 52 11.98 4.09 19.07
C LYS A 52 13.13 5.10 18.98
N GLN A 53 13.42 5.84 20.07
CA GLN A 53 14.45 6.87 20.01
C GLN A 53 15.79 6.32 19.56
N GLY A 54 16.40 7.06 18.65
CA GLY A 54 17.72 6.72 18.16
C GLY A 54 17.74 5.70 17.05
N SER A 55 16.65 4.95 16.86
CA SER A 55 16.61 3.96 15.77
C SER A 55 16.73 4.58 14.38
N MET A 56 16.14 5.79 14.26
CA MET A 56 16.14 6.57 13.01
C MET A 56 15.88 8.05 13.34
N SER A 57 16.11 8.94 12.36
CA SER A 57 15.82 10.38 12.49
C SER A 57 14.36 10.72 12.79
N PRO A 58 14.11 11.56 13.80
CA PRO A 58 12.73 12.00 14.00
C PRO A 58 12.13 12.78 12.79
N ASP A 59 12.98 13.57 12.09
CA ASP A 59 12.60 14.17 10.78
C ASP A 59 12.12 13.15 9.76
N ALA A 60 12.87 12.06 9.55
CA ALA A 60 12.46 11.04 8.57
C ALA A 60 11.16 10.39 9.01
N PHE A 61 11.04 10.08 10.32
CA PHE A 61 9.84 9.46 10.85
C PHE A 61 8.60 10.29 10.55
N LEU A 62 8.65 11.57 10.94
CA LEU A 62 7.53 12.49 10.77
C LEU A 62 7.21 12.88 9.34
N ALA A 63 8.15 12.72 8.42
CA ALA A 63 7.85 12.99 7.04
C ALA A 63 6.64 12.15 6.52
N GLU A 64 6.40 10.99 7.10
CA GLU A 64 5.23 10.16 6.71
C GLU A 64 3.91 10.89 7.04
N ALA A 65 3.82 11.41 8.27
CA ALA A 65 2.66 12.20 8.65
C ALA A 65 2.44 13.45 7.75
N ASN A 66 3.50 14.21 7.44
CA ASN A 66 3.39 15.46 6.66
C ASN A 66 2.86 15.15 5.26
N LEU A 67 3.29 14.03 4.70
CA LEU A 67 2.77 13.57 3.42
C LEU A 67 1.28 13.19 3.49
N MET A 68 0.85 12.55 4.59
CA MET A 68 -0.57 12.20 4.75
C MET A 68 -1.44 13.46 4.98
N LYS A 69 -0.85 14.55 5.46
CA LYS A 69 -1.54 15.84 5.41
C LYS A 69 -1.98 16.31 3.99
N GLN A 70 -1.33 15.80 2.93
CA GLN A 70 -1.63 16.16 1.52
C GLN A 70 -2.42 15.14 0.69
N LEU A 71 -2.70 13.96 1.26
CA LEU A 71 -3.42 12.93 0.54
C LEU A 71 -4.55 12.41 1.36
N GLN A 72 -5.63 13.16 1.44
CA GLN A 72 -6.77 12.76 2.23
C GLN A 72 -7.84 12.35 1.25
N HIS A 73 -8.32 11.11 1.37
CA HIS A 73 -9.38 10.54 0.51
C HIS A 73 -9.97 9.36 1.27
N GLN A 74 -11.25 9.01 1.02
CA GLN A 74 -11.93 7.85 1.62
C GLN A 74 -11.15 6.57 1.44
N ARG A 75 -10.48 6.46 0.29
CA ARG A 75 -9.77 5.24 -0.09
C ARG A 75 -8.35 5.11 0.45
N LEU A 76 -7.94 6.06 1.29
CA LEU A 76 -6.60 6.13 1.82
C LEU A 76 -6.67 6.24 3.34
N VAL A 77 -5.83 5.45 4.02
CA VAL A 77 -5.72 5.51 5.52
C VAL A 77 -5.41 6.95 5.90
N ARG A 78 -6.30 7.49 6.73
CA ARG A 78 -6.28 8.88 7.12
C ARG A 78 -5.45 9.16 8.41
N LEU A 79 -4.65 10.22 8.34
CA LEU A 79 -3.91 10.71 9.49
C LEU A 79 -4.91 11.23 10.46
N TYR A 80 -4.75 10.78 11.69
CA TYR A 80 -5.64 11.21 12.75
C TYR A 80 -4.98 12.33 13.59
N ALA A 81 -3.70 12.15 13.90
CA ALA A 81 -2.93 13.14 14.70
C ALA A 81 -1.42 12.82 14.81
N VAL A 82 -0.68 13.71 15.46
CA VAL A 82 0.74 13.50 15.75
C VAL A 82 1.00 13.94 17.18
N VAL A 83 1.97 13.34 17.83
CA VAL A 83 2.54 13.90 19.06
C VAL A 83 4.02 14.09 18.70
N THR A 84 4.49 15.33 18.64
CA THR A 84 5.82 15.56 18.10
C THR A 84 6.99 15.62 19.14
N GLN A 85 6.72 15.22 20.38
CA GLN A 85 7.71 15.18 21.47
C GLN A 85 8.09 13.72 21.74
N GLU A 86 9.35 13.44 22.04
CA GLU A 86 9.82 12.07 22.25
C GLU A 86 9.06 11.36 23.41
N PRO A 87 8.59 10.12 23.18
CA PRO A 87 8.64 9.43 21.89
C PRO A 87 7.55 9.91 20.96
N ILE A 88 7.90 9.99 19.69
CA ILE A 88 7.08 10.58 18.67
C ILE A 88 6.01 9.56 18.30
N TYR A 89 4.77 10.04 18.25
CA TYR A 89 3.63 9.21 17.81
C TYR A 89 3.06 9.70 16.46
N ILE A 90 2.79 8.81 15.50
CA ILE A 90 1.91 9.09 14.36
C ILE A 90 0.61 8.29 14.54
N ILE A 91 -0.51 8.99 14.65
CA ILE A 91 -1.81 8.34 14.94
C ILE A 91 -2.70 8.35 13.70
N THR A 92 -3.16 7.16 13.30
CA THR A 92 -3.93 7.03 12.04
C THR A 92 -5.29 6.30 12.26
N GLU A 93 -6.12 6.30 11.22
CA GLU A 93 -7.37 5.54 11.09
C GLU A 93 -7.16 4.05 11.41
N TYR A 94 -7.95 3.52 12.33
CA TYR A 94 -7.85 2.10 12.69
C TYR A 94 -8.58 1.20 11.68
N MET A 95 -7.91 0.16 11.18
CA MET A 95 -8.53 -0.72 10.21
C MET A 95 -8.71 -2.12 10.86
N GLU A 96 -9.94 -2.47 11.13
CA GLU A 96 -10.25 -3.51 12.08
C GLU A 96 -9.81 -4.88 11.53
N ASN A 97 -9.82 -5.07 10.21
CA ASN A 97 -9.35 -6.34 9.68
C ASN A 97 -7.86 -6.42 9.28
N GLY A 98 -7.07 -5.44 9.71
CA GLY A 98 -5.62 -5.53 9.55
C GLY A 98 -5.17 -5.51 8.11
N SER A 99 -4.07 -6.18 7.81
CA SER A 99 -3.58 -6.07 6.48
C SER A 99 -4.25 -7.07 5.50
N LEU A 100 -4.32 -6.71 4.20
CA LEU A 100 -5.04 -7.51 3.20
C LEU A 100 -4.44 -8.90 3.13
N VAL A 101 -3.12 -8.93 3.04
CA VAL A 101 -2.33 -10.12 3.04
C VAL A 101 -2.62 -11.07 4.21
N ASP A 102 -2.88 -10.58 5.43
CA ASP A 102 -3.23 -11.44 6.55
C ASP A 102 -4.70 -11.81 6.44
N PHE A 103 -5.52 -10.83 6.05
CA PHE A 103 -6.98 -10.99 6.12
C PHE A 103 -7.54 -12.07 5.18
N LEU A 104 -6.92 -12.20 4.02
CA LEU A 104 -7.33 -13.12 2.97
C LEU A 104 -6.99 -14.56 3.40
N LYS A 105 -6.18 -14.70 4.45
CA LYS A 105 -5.81 -16.02 4.98
C LYS A 105 -6.69 -16.49 6.11
N THR A 106 -7.44 -15.58 6.74
CA THR A 106 -8.33 -15.95 7.84
C THR A 106 -9.56 -16.75 7.31
N PRO A 107 -10.36 -17.40 8.20
CA PRO A 107 -11.64 -18.05 7.79
C PRO A 107 -12.65 -17.13 7.01
N SER A 108 -12.84 -15.89 7.45
CA SER A 108 -13.63 -14.89 6.71
C SER A 108 -13.01 -14.67 5.34
N GLY A 109 -11.68 -14.45 5.30
CA GLY A 109 -10.99 -14.15 4.07
C GLY A 109 -11.14 -15.29 3.08
N ILE A 110 -11.05 -16.51 3.60
CA ILE A 110 -11.07 -17.70 2.77
C ILE A 110 -12.41 -17.94 2.06
N LYS A 111 -13.52 -17.58 2.69
CA LYS A 111 -14.85 -17.79 2.10
C LYS A 111 -15.31 -16.73 1.06
N LEU A 112 -14.48 -15.71 0.79
CA LEU A 112 -14.84 -14.62 -0.17
C LEU A 112 -15.00 -15.12 -1.62
N THR A 113 -16.07 -14.68 -2.32
CA THR A 113 -16.26 -15.10 -3.72
C THR A 113 -15.24 -14.39 -4.61
N ILE A 114 -15.06 -14.85 -5.85
CA ILE A 114 -14.24 -14.07 -6.77
C ILE A 114 -14.87 -12.68 -6.97
N ASN A 115 -16.19 -12.61 -6.84
CA ASN A 115 -16.92 -11.39 -6.99
C ASN A 115 -16.48 -10.32 -5.99
N LYS A 116 -16.35 -10.69 -4.71
CA LYS A 116 -15.88 -9.77 -3.67
C LYS A 116 -14.38 -9.40 -3.80
N LEU A 117 -13.54 -10.33 -4.25
CA LEU A 117 -12.14 -10.09 -4.52
C LEU A 117 -11.93 -9.01 -5.61
N LEU A 118 -12.78 -9.05 -6.64
CA LEU A 118 -12.72 -8.11 -7.73
C LEU A 118 -13.23 -6.79 -7.26
N ASP A 119 -14.27 -6.78 -6.44
CA ASP A 119 -14.75 -5.57 -5.75
C ASP A 119 -13.56 -4.92 -5.03
N MET A 120 -12.96 -5.66 -4.10
CA MET A 120 -11.80 -5.19 -3.35
C MET A 120 -10.67 -4.70 -4.29
N ALA A 121 -10.45 -5.39 -5.40
CA ALA A 121 -9.40 -4.91 -6.31
C ALA A 121 -9.76 -3.56 -6.88
N ALA A 122 -11.03 -3.35 -7.26
CA ALA A 122 -11.50 -2.01 -7.74
C ALA A 122 -11.38 -0.90 -6.68
N GLN A 123 -11.62 -1.20 -5.41
CA GLN A 123 -11.47 -0.18 -4.35
C GLN A 123 -9.98 0.30 -4.29
N ILE A 124 -9.03 -0.63 -4.48
CA ILE A 124 -7.60 -0.35 -4.40
C ILE A 124 -7.20 0.48 -5.62
N ALA A 125 -7.60 0.07 -6.83
CA ALA A 125 -7.40 0.90 -8.02
C ALA A 125 -7.95 2.33 -7.84
N GLU A 126 -9.11 2.45 -7.20
CA GLU A 126 -9.74 3.73 -6.92
C GLU A 126 -8.91 4.58 -5.99
N GLY A 127 -8.28 3.97 -4.97
CA GLY A 127 -7.40 4.72 -4.14
C GLY A 127 -6.20 5.15 -4.93
N MET A 128 -5.66 4.26 -5.75
CA MET A 128 -4.44 4.65 -6.50
C MET A 128 -4.75 5.69 -7.61
N ALA A 129 -6.00 5.71 -8.12
CA ALA A 129 -6.44 6.74 -9.07
C ALA A 129 -6.39 8.17 -8.46
N PHE A 130 -6.76 8.29 -7.16
CA PHE A 130 -6.57 9.53 -6.41
C PHE A 130 -5.10 9.96 -6.33
N ILE A 131 -4.24 9.03 -5.94
CA ILE A 131 -2.79 9.26 -5.83
C ILE A 131 -2.14 9.69 -7.16
N GLU A 132 -2.49 8.97 -8.22
CA GLU A 132 -2.13 9.27 -9.59
C GLU A 132 -2.61 10.69 -9.96
N GLU A 133 -3.89 10.99 -9.76
CA GLU A 133 -4.38 12.36 -10.06
C GLU A 133 -3.72 13.52 -9.25
N ARG A 134 -3.26 13.23 -8.02
CA ARG A 134 -2.63 14.25 -7.17
C ARG A 134 -1.14 14.42 -7.46
N ASN A 135 -0.64 13.70 -8.45
CA ASN A 135 0.80 13.71 -8.77
C ASN A 135 1.71 13.05 -7.76
N TYR A 136 1.18 12.05 -7.04
CA TYR A 136 2.00 11.27 -6.14
C TYR A 136 2.31 9.87 -6.70
N ILE A 137 3.32 9.22 -6.09
CA ILE A 137 3.62 7.79 -6.30
C ILE A 137 3.67 7.16 -4.92
N HIS A 138 3.41 5.87 -4.83
CA HIS A 138 3.41 5.18 -3.53
C HIS A 138 4.77 4.46 -3.30
N ARG A 139 5.21 3.66 -4.30
CA ARG A 139 6.51 2.94 -4.28
C ARG A 139 6.60 1.62 -3.48
N ASP A 140 5.55 1.32 -2.74
CA ASP A 140 5.50 0.17 -1.81
C ASP A 140 4.08 -0.46 -1.89
N LEU A 141 3.50 -0.53 -3.10
CA LEU A 141 2.12 -0.98 -3.25
C LEU A 141 2.14 -2.51 -3.36
N ARG A 142 1.41 -3.14 -2.43
CA ARG A 142 1.47 -4.59 -2.22
C ARG A 142 0.41 -4.96 -1.17
N ALA A 143 -0.10 -6.19 -1.17
CA ALA A 143 -1.21 -6.53 -0.24
C ALA A 143 -0.84 -6.29 1.24
N ALA A 144 0.44 -6.36 1.61
CA ALA A 144 0.84 -6.04 3.01
C ALA A 144 0.53 -4.58 3.38
N ASN A 145 0.45 -3.70 2.36
CA ASN A 145 0.18 -2.30 2.54
C ASN A 145 -1.21 -1.79 2.10
N ILE A 146 -2.19 -2.70 1.97
CA ILE A 146 -3.63 -2.39 1.88
C ILE A 146 -4.27 -2.85 3.20
N LEU A 147 -5.03 -1.99 3.86
CA LEU A 147 -5.66 -2.38 5.12
C LEU A 147 -7.17 -2.59 4.82
N VAL A 148 -7.80 -3.47 5.61
CA VAL A 148 -9.21 -3.84 5.45
C VAL A 148 -10.02 -3.38 6.68
N SER A 149 -11.16 -2.72 6.46
CA SER A 149 -12.05 -2.32 7.54
C SER A 149 -12.95 -3.47 7.98
N ASP A 150 -13.63 -3.22 9.11
CA ASP A 150 -14.73 -4.06 9.59
C ASP A 150 -15.83 -4.36 8.57
N THR A 151 -16.03 -3.48 7.56
CA THR A 151 -17.09 -3.60 6.49
C THR A 151 -16.57 -4.20 5.18
N LEU A 152 -15.32 -4.68 5.25
CA LEU A 152 -14.64 -5.30 4.13
C LEU A 152 -14.48 -4.33 2.97
N SER A 153 -14.15 -3.11 3.30
CA SER A 153 -13.67 -2.13 2.35
C SER A 153 -12.13 -1.98 2.58
N CYS A 154 -11.43 -1.54 1.55
CA CYS A 154 -9.96 -1.54 1.53
C CYS A 154 -9.47 -0.11 1.45
N LYS A 155 -8.25 0.14 1.90
CA LYS A 155 -7.60 1.47 1.83
C LYS A 155 -6.11 1.32 1.68
N ILE A 156 -5.51 2.22 0.90
CA ILE A 156 -4.06 2.27 0.76
C ILE A 156 -3.40 2.75 2.08
N ALA A 157 -2.27 2.15 2.45
CA ALA A 157 -1.62 2.57 3.68
C ALA A 157 -0.11 2.62 3.47
N ASP A 158 0.58 3.03 4.53
CA ASP A 158 2.06 3.11 4.57
C ASP A 158 2.67 3.95 3.48
N PHE A 159 2.74 5.23 3.77
CA PHE A 159 3.12 6.24 2.83
C PHE A 159 4.58 6.68 3.07
N GLY A 160 5.36 5.82 3.72
CA GLY A 160 6.77 6.10 4.01
C GLY A 160 7.64 6.37 2.78
N LEU A 161 7.38 5.61 1.73
CA LEU A 161 8.09 5.84 0.47
C LEU A 161 7.37 6.77 -0.52
N ALA A 162 6.13 7.17 -0.23
CA ALA A 162 5.34 8.04 -1.12
C ALA A 162 6.06 9.39 -1.41
N ARG A 163 5.95 9.88 -2.63
CA ARG A 163 6.66 11.06 -3.06
C ARG A 163 5.79 11.88 -4.01
N LEU A 164 5.75 13.20 -3.81
CA LEU A 164 5.23 14.13 -4.81
C LEU A 164 6.16 14.24 -6.02
N ILE A 165 5.57 14.11 -7.21
CA ILE A 165 6.24 14.27 -8.51
C ILE A 165 6.00 15.67 -9.15
N GLU A 166 7.00 16.55 -9.18
CA GLU A 166 6.89 17.81 -10.01
C GLU A 166 7.14 17.51 -11.51
N ASP A 167 8.41 17.29 -11.90
CA ASP A 167 8.78 16.65 -13.18
C ASP A 167 8.62 15.16 -13.02
N ASN A 168 8.08 14.53 -14.07
CA ASN A 168 7.62 13.13 -14.04
C ASN A 168 8.24 12.04 -13.12
N GLU A 169 9.56 12.07 -12.91
CA GLU A 169 10.27 11.00 -12.19
C GLU A 169 10.84 11.35 -10.81
N THR A 171 13.96 9.80 -8.88
CA THR A 171 15.09 8.87 -8.93
C THR A 171 15.69 8.59 -7.54
N ALA A 172 15.74 7.32 -7.15
CA ALA A 172 16.34 6.86 -5.91
C ALA A 172 17.87 6.95 -5.94
N ARG A 173 18.49 6.79 -4.76
CA ARG A 173 19.95 6.69 -4.61
C ARG A 173 20.51 5.39 -5.22
N GLU A 174 21.77 5.45 -5.65
CA GLU A 174 22.52 4.33 -6.22
C GLU A 174 22.48 3.06 -5.36
N GLY A 175 22.61 3.20 -4.03
CA GLY A 175 22.58 2.05 -3.10
C GLY A 175 21.23 1.44 -2.68
N ALA A 176 20.13 2.11 -2.99
CA ALA A 176 18.82 1.73 -2.41
C ALA A 176 18.22 0.47 -3.01
N LYS A 177 17.65 -0.34 -2.13
CA LYS A 177 17.18 -1.70 -2.45
C LYS A 177 15.64 -1.82 -2.29
N PHE A 178 14.98 -2.43 -3.25
CA PHE A 178 13.51 -2.61 -3.23
C PHE A 178 13.12 -4.08 -3.52
N PRO A 179 11.94 -4.52 -3.03
CA PRO A 179 11.54 -5.91 -3.14
C PRO A 179 11.37 -6.27 -4.58
N ILE A 180 12.22 -7.16 -5.06
CA ILE A 180 12.34 -7.46 -6.44
C ILE A 180 11.05 -7.97 -7.11
N LYS A 181 10.22 -8.71 -6.37
CA LYS A 181 8.99 -9.27 -6.92
C LYS A 181 7.86 -8.27 -7.14
N TRP A 182 7.80 -7.21 -6.33
CA TRP A 182 6.71 -6.27 -6.44
C TRP A 182 7.07 -5.02 -7.21
N THR A 183 8.37 -4.85 -7.49
CA THR A 183 8.90 -3.63 -8.07
C THR A 183 9.12 -3.68 -9.60
N ALA A 184 8.65 -2.63 -10.28
CA ALA A 184 8.79 -2.55 -11.75
C ALA A 184 10.29 -2.64 -12.14
N PRO A 185 10.63 -3.21 -13.31
CA PRO A 185 12.04 -3.38 -13.70
C PRO A 185 12.85 -2.09 -13.76
N GLU A 186 12.25 -1.00 -14.21
CA GLU A 186 12.95 0.26 -14.43
C GLU A 186 13.35 0.89 -13.11
N ALA A 187 12.52 0.70 -12.09
CA ALA A 187 12.86 1.14 -10.76
C ALA A 187 13.97 0.28 -10.12
N ILE A 188 13.90 -1.04 -10.26
CA ILE A 188 14.97 -1.93 -9.74
C ILE A 188 16.29 -1.61 -10.42
N ASN A 189 16.25 -1.42 -11.74
CA ASN A 189 17.42 -1.28 -12.58
C ASN A 189 18.10 0.11 -12.58
N TYR A 190 17.29 1.18 -12.59
CA TYR A 190 17.75 2.55 -12.82
C TYR A 190 17.43 3.47 -11.65
N GLY A 191 16.66 2.96 -10.68
CA GLY A 191 16.23 3.76 -9.52
C GLY A 191 15.07 4.68 -9.86
N THR A 192 14.58 4.62 -11.10
CA THR A 192 13.54 5.57 -11.53
C THR A 192 12.10 5.02 -11.28
N PHE A 193 11.31 5.78 -10.54
CA PHE A 193 9.92 5.48 -10.23
C PHE A 193 8.94 6.47 -10.84
N THR A 194 7.79 5.97 -11.26
CA THR A 194 6.71 6.82 -11.79
C THR A 194 5.39 6.20 -11.35
N ILE A 195 4.27 6.84 -11.63
CA ILE A 195 2.98 6.19 -11.32
C ILE A 195 2.90 4.83 -12.07
N LYS A 196 3.63 4.71 -13.20
CA LYS A 196 3.58 3.49 -14.03
C LYS A 196 4.30 2.31 -13.36
N SER A 197 5.18 2.62 -12.40
CA SER A 197 5.83 1.66 -11.52
C SER A 197 4.88 1.11 -10.50
N ASP A 198 4.06 1.99 -9.95
CA ASP A 198 2.96 1.56 -9.08
C ASP A 198 1.97 0.73 -9.93
N VAL A 199 1.72 1.10 -11.20
CA VAL A 199 0.80 0.28 -11.99
C VAL A 199 1.35 -1.15 -12.07
N TRP A 200 2.66 -1.30 -12.30
CA TRP A 200 3.29 -2.65 -12.29
C TRP A 200 3.07 -3.38 -10.93
N SER A 201 3.31 -2.69 -9.83
CA SER A 201 3.03 -3.25 -8.52
C SER A 201 1.59 -3.72 -8.35
N PHE A 202 0.64 -2.91 -8.80
CA PHE A 202 -0.76 -3.31 -8.74
C PHE A 202 -1.02 -4.68 -9.44
N GLY A 203 -0.39 -4.92 -10.60
CA GLY A 203 -0.43 -6.21 -11.25
C GLY A 203 -0.01 -7.33 -10.28
N ILE A 204 1.12 -7.17 -9.59
CA ILE A 204 1.57 -8.16 -8.64
C ILE A 204 0.54 -8.35 -7.52
N LEU A 205 0.01 -7.22 -7.02
CA LEU A 205 -0.95 -7.20 -5.92
C LEU A 205 -2.21 -7.98 -6.29
N LEU A 206 -2.61 -7.93 -7.56
CA LEU A 206 -3.75 -8.72 -8.11
C LEU A 206 -3.54 -10.21 -7.97
N THR A 207 -2.29 -10.67 -8.18
CA THR A 207 -1.94 -12.07 -7.92
C THR A 207 -2.15 -12.46 -6.47
N GLU A 208 -1.74 -11.58 -5.54
CA GLU A 208 -1.89 -11.84 -4.12
C GLU A 208 -3.37 -11.90 -3.75
N ILE A 209 -4.20 -11.06 -4.35
CA ILE A 209 -5.67 -11.10 -4.09
C ILE A 209 -6.25 -12.48 -4.49
N VAL A 210 -6.02 -12.88 -5.74
CA VAL A 210 -6.59 -14.10 -6.28
C VAL A 210 -5.96 -15.40 -5.65
N THR A 211 -4.77 -15.28 -5.04
CA THR A 211 -4.17 -16.49 -4.41
C THR A 211 -4.31 -16.49 -2.88
N HIS A 212 -5.16 -15.61 -2.37
CA HIS A 212 -5.31 -15.44 -0.91
C HIS A 212 -4.00 -15.16 -0.18
N GLY A 213 -3.19 -14.25 -0.76
CA GLY A 213 -1.96 -13.77 -0.18
C GLY A 213 -0.67 -14.57 -0.37
N ARG A 214 -0.63 -15.50 -1.32
CA ARG A 214 0.58 -16.26 -1.63
C ARG A 214 1.67 -15.35 -2.23
N ILE A 215 2.91 -15.70 -1.94
CA ILE A 215 4.09 -15.07 -2.55
C ILE A 215 4.06 -15.18 -4.09
N PRO A 216 4.23 -14.02 -4.80
CA PRO A 216 4.30 -14.03 -6.30
C PRO A 216 5.42 -14.88 -6.84
N TYR A 217 5.21 -15.35 -8.05
CA TYR A 217 6.19 -16.13 -8.79
C TYR A 217 6.49 -17.38 -7.97
N PRO A 218 5.46 -18.24 -7.80
CA PRO A 218 5.58 -19.42 -6.96
C PRO A 218 6.89 -20.18 -7.26
N GLY A 219 7.66 -20.42 -6.19
CA GLY A 219 8.89 -21.25 -6.27
C GLY A 219 10.07 -20.72 -7.13
N MET A 220 10.14 -19.41 -7.32
CA MET A 220 11.25 -18.78 -8.03
C MET A 220 12.01 -17.86 -7.08
N THR A 221 13.33 -17.87 -7.21
CA THR A 221 14.16 -16.89 -6.52
C THR A 221 14.18 -15.58 -7.30
N ASN A 222 14.61 -14.51 -6.63
CA ASN A 222 14.78 -13.22 -7.32
C ASN A 222 15.60 -13.25 -8.61
N PRO A 223 16.80 -13.89 -8.63
CA PRO A 223 17.52 -13.94 -9.89
C PRO A 223 16.77 -14.68 -11.01
N GLU A 224 16.07 -15.77 -10.70
CA GLU A 224 15.15 -16.41 -11.67
C GLU A 224 14.03 -15.45 -12.17
N VAL A 225 13.38 -14.72 -11.26
CA VAL A 225 12.32 -13.76 -11.66
C VAL A 225 12.82 -12.68 -12.67
N ILE A 226 13.87 -11.94 -12.29
CA ILE A 226 14.59 -11.01 -13.17
C ILE A 226 14.90 -11.63 -14.53
N GLN A 227 15.43 -12.85 -14.52
CA GLN A 227 15.79 -13.53 -15.77
C GLN A 227 14.60 -13.89 -16.68
N ASN A 228 13.53 -14.40 -16.11
CA ASN A 228 12.32 -14.73 -16.83
C ASN A 228 11.71 -13.46 -17.48
N LEU A 229 11.59 -12.40 -16.69
CA LEU A 229 11.12 -11.10 -17.18
C LEU A 229 11.90 -10.59 -18.40
N GLU A 230 13.22 -10.69 -18.36
CA GLU A 230 14.06 -10.22 -19.47
C GLU A 230 13.88 -11.04 -20.76
N ARG A 231 13.49 -12.30 -20.58
CA ARG A 231 13.13 -13.14 -21.71
C ARG A 231 11.78 -12.73 -22.29
N GLY A 232 10.98 -11.93 -21.58
CA GLY A 232 9.62 -11.59 -22.06
C GLY A 232 8.48 -12.37 -21.37
N TYR A 233 8.88 -13.33 -20.53
CA TYR A 233 7.92 -14.10 -19.73
C TYR A 233 7.37 -13.21 -18.65
N ARG A 234 6.22 -13.61 -18.12
CA ARG A 234 5.54 -12.91 -17.06
C ARG A 234 5.10 -13.95 -16.04
N MET A 235 4.54 -13.53 -14.90
CA MET A 235 4.17 -14.55 -13.91
C MET A 235 3.20 -15.56 -14.54
N VAL A 236 3.48 -16.83 -14.32
CA VAL A 236 2.57 -17.93 -14.65
C VAL A 236 1.15 -17.60 -14.13
N ARG A 237 0.14 -17.82 -14.97
CA ARG A 237 -1.28 -17.89 -14.57
C ARG A 237 -1.46 -18.57 -13.22
N PRO A 238 -1.79 -17.78 -12.17
CA PRO A 238 -2.06 -18.28 -10.82
C PRO A 238 -3.23 -19.24 -10.86
N ASP A 239 -3.26 -20.23 -9.95
CA ASP A 239 -4.38 -21.20 -9.91
C ASP A 239 -5.67 -20.48 -9.71
N ASN A 240 -6.69 -20.94 -10.45
CA ASN A 240 -8.05 -20.40 -10.35
C ASN A 240 -8.16 -18.89 -10.58
N CYS A 241 -7.34 -18.40 -11.50
CA CYS A 241 -7.38 -16.97 -11.90
C CYS A 241 -8.26 -16.84 -13.15
N PRO A 242 -9.38 -16.07 -13.07
CA PRO A 242 -10.13 -15.80 -14.30
C PRO A 242 -9.16 -15.23 -15.36
N GLU A 243 -9.32 -15.67 -16.61
CA GLU A 243 -8.46 -15.21 -17.65
C GLU A 243 -8.58 -13.68 -17.91
N GLU A 244 -9.76 -13.10 -17.68
CA GLU A 244 -9.93 -11.68 -17.86
C GLU A 244 -8.99 -10.90 -16.96
N LEU A 245 -8.98 -11.30 -15.69
CA LEU A 245 -8.12 -10.67 -14.70
C LEU A 245 -6.66 -10.94 -15.01
N TYR A 246 -6.33 -12.17 -15.40
CA TYR A 246 -4.96 -12.45 -15.83
C TYR A 246 -4.56 -11.43 -16.93
N GLN A 247 -5.45 -11.18 -17.90
CA GLN A 247 -5.09 -10.26 -19.01
C GLN A 247 -4.96 -8.81 -18.53
N LEU A 248 -5.73 -8.46 -17.50
CA LEU A 248 -5.57 -7.16 -16.86
C LEU A 248 -4.19 -6.97 -16.13
N MET A 249 -3.76 -8.00 -15.39
CA MET A 249 -2.41 -8.11 -14.86
C MET A 249 -1.36 -7.94 -15.97
N ARG A 250 -1.52 -8.63 -17.10
CA ARG A 250 -0.53 -8.50 -18.20
C ARG A 250 -0.35 -7.05 -18.72
N LEU A 251 -1.46 -6.33 -18.86
CA LEU A 251 -1.45 -4.87 -19.16
C LEU A 251 -0.60 -4.13 -18.16
N CYS A 252 -0.75 -4.41 -16.86
CA CYS A 252 0.10 -3.78 -15.84
C CYS A 252 1.60 -4.10 -16.02
N TRP A 253 1.89 -5.23 -16.67
CA TRP A 253 3.29 -5.69 -16.81
C TRP A 253 3.89 -5.48 -18.20
N LYS A 254 3.32 -4.54 -18.95
CA LYS A 254 3.86 -4.12 -20.24
C LYS A 254 5.31 -3.65 -20.10
N GLU A 255 6.14 -4.06 -21.01
CA GLU A 255 7.54 -3.58 -21.06
C GLU A 255 7.67 -2.05 -20.86
N ARG A 256 7.03 -1.29 -21.75
CA ARG A 256 7.19 0.16 -21.67
C ARG A 256 6.23 0.75 -20.65
N PRO A 257 6.77 1.39 -19.60
CA PRO A 257 5.97 2.14 -18.62
C PRO A 257 4.78 2.87 -19.24
N GLU A 258 5.01 3.67 -20.29
CA GLU A 258 3.95 4.50 -20.88
C GLU A 258 2.78 3.70 -21.53
N ASP A 259 3.07 2.44 -21.91
CA ASP A 259 2.04 1.47 -22.40
C ASP A 259 1.14 0.88 -21.33
N ARG A 260 1.53 0.96 -20.07
CA ARG A 260 0.73 0.43 -18.98
C ARG A 260 -0.47 1.36 -18.76
N PRO A 261 -1.61 0.82 -18.28
CA PRO A 261 -2.83 1.62 -18.22
C PRO A 261 -2.76 2.66 -17.13
N THR A 262 -3.68 3.64 -17.18
CA THR A 262 -3.96 4.47 -16.03
C THR A 262 -4.63 3.69 -14.88
N PHE A 263 -4.51 4.21 -13.65
CA PHE A 263 -5.21 3.60 -12.52
C PHE A 263 -6.72 3.88 -12.66
N ASP A 264 -7.08 5.00 -13.26
CA ASP A 264 -8.50 5.13 -13.53
C ASP A 264 -9.08 4.08 -14.53
N TYR A 265 -8.31 3.74 -15.56
CA TYR A 265 -8.76 2.64 -16.47
C TYR A 265 -8.93 1.32 -15.70
N LEU A 266 -7.94 1.00 -14.86
CA LEU A 266 -7.94 -0.21 -14.04
C LEU A 266 -9.16 -0.24 -13.13
N ARG A 267 -9.44 0.89 -12.52
CA ARG A 267 -10.64 0.99 -11.73
C ARG A 267 -11.87 0.67 -12.58
N SER A 268 -12.01 1.29 -13.75
CA SER A 268 -13.28 1.10 -14.43
C SER A 268 -13.40 -0.32 -14.95
N VAL A 269 -12.29 -0.92 -15.38
CA VAL A 269 -12.40 -2.27 -15.88
C VAL A 269 -12.85 -3.20 -14.71
N LEU A 270 -12.19 -3.06 -13.56
CA LEU A 270 -12.47 -3.91 -12.40
C LEU A 270 -13.90 -3.81 -11.91
N GLU A 271 -14.44 -2.61 -11.81
CA GLU A 271 -15.87 -2.41 -11.58
C GLU A 271 -16.82 -3.13 -12.59
N ASP A 272 -16.47 -3.10 -13.87
CA ASP A 272 -17.18 -3.89 -14.89
C ASP A 272 -17.09 -5.40 -14.61
N PHE A 273 -15.89 -5.87 -14.19
CA PHE A 273 -15.65 -7.28 -14.01
C PHE A 273 -16.56 -7.70 -12.86
N PHE A 274 -16.76 -6.79 -11.92
CA PHE A 274 -17.44 -7.14 -10.67
C PHE A 274 -18.97 -7.11 -10.77
N THR A 275 -19.50 -6.15 -11.53
CA THR A 275 -20.95 -6.05 -11.70
C THR A 275 -21.43 -7.13 -12.69
N ALA A 276 -20.47 -7.69 -13.42
CA ALA A 276 -20.71 -8.81 -14.34
C ALA A 276 -20.74 -10.16 -13.63
N THR A 277 -20.07 -10.26 -12.46
CA THR A 277 -20.15 -11.46 -11.60
C THR A 277 -21.22 -11.32 -10.47
N GLU A 278 -21.03 -12.04 -9.36
#